data_2KIS
#
_entry.id   2KIS
#
_entity_poly.entity_id   1
_entity_poly.type   'polypeptide(L)'
_entity_poly.pdbx_seq_one_letter_code
;GAMGSLEARMKQFKDMLLERGVSAFSTWEKELHKIVFDPRYLLLNPKERKQVFDQYVKTRAEEERREKKNK
;
_entity_poly.pdbx_strand_id   A
#
# COMPACT_ATOMS: atom_id res chain seq x y z
N GLY A 1 19.99 4.03 -7.77
CA GLY A 1 21.23 4.33 -7.00
C GLY A 1 21.08 4.03 -5.52
N ALA A 2 20.81 2.76 -5.20
CA ALA A 2 20.64 2.34 -3.82
C ALA A 2 19.56 3.15 -3.11
N MET A 3 18.30 2.87 -3.45
CA MET A 3 17.17 3.58 -2.84
C MET A 3 17.27 5.09 -3.07
N GLY A 4 16.66 5.56 -4.15
CA GLY A 4 16.70 6.99 -4.45
C GLY A 4 16.03 7.33 -5.77
N SER A 5 16.00 6.36 -6.69
CA SER A 5 15.38 6.57 -7.99
C SER A 5 13.90 6.19 -7.98
N LEU A 6 13.62 4.93 -8.32
CA LEU A 6 12.24 4.44 -8.35
C LEU A 6 11.86 3.87 -6.99
N GLU A 7 12.79 3.17 -6.36
CA GLU A 7 12.55 2.56 -5.06
C GLU A 7 11.95 3.57 -4.08
N ALA A 8 12.49 4.78 -4.10
CA ALA A 8 12.00 5.84 -3.22
C ALA A 8 10.52 6.09 -3.45
N ARG A 9 10.14 6.20 -4.72
CA ARG A 9 8.74 6.45 -5.08
C ARG A 9 7.88 5.28 -4.63
N MET A 10 8.32 4.08 -4.96
CA MET A 10 7.60 2.87 -4.60
C MET A 10 7.59 2.69 -3.09
N LYS A 11 8.41 3.49 -2.42
CA LYS A 11 8.52 3.44 -0.96
C LYS A 11 7.56 4.45 -0.36
N GLN A 12 7.46 5.60 -1.00
CA GLN A 12 6.53 6.63 -0.56
C GLN A 12 5.12 6.12 -0.71
N PHE A 13 4.97 5.12 -1.58
CA PHE A 13 3.67 4.52 -1.82
C PHE A 13 3.37 3.49 -0.75
N LYS A 14 4.29 2.55 -0.56
CA LYS A 14 4.13 1.51 0.45
C LYS A 14 3.85 2.17 1.81
N ASP A 15 4.58 3.24 2.08
CA ASP A 15 4.41 3.98 3.33
C ASP A 15 2.99 4.52 3.42
N MET A 16 2.55 5.22 2.37
CA MET A 16 1.21 5.78 2.33
C MET A 16 0.18 4.71 2.65
N LEU A 17 0.41 3.51 2.16
CA LEU A 17 -0.49 2.39 2.41
C LEU A 17 -0.59 2.12 3.90
N LEU A 18 0.55 2.24 4.58
CA LEU A 18 0.61 2.03 6.03
C LEU A 18 0.20 3.30 6.77
N GLU A 19 -0.02 4.37 6.02
CA GLU A 19 -0.41 5.65 6.62
C GLU A 19 -1.92 5.72 6.86
N ARG A 20 -2.70 5.47 5.81
CA ARG A 20 -4.15 5.50 5.93
C ARG A 20 -4.71 4.11 6.12
N GLY A 21 -3.85 3.12 5.94
CA GLY A 21 -4.26 1.74 6.10
C GLY A 21 -5.08 1.25 4.92
N VAL A 22 -4.39 0.79 3.89
CA VAL A 22 -5.03 0.28 2.70
C VAL A 22 -5.49 -1.15 2.99
N SER A 23 -6.39 -1.24 3.97
CA SER A 23 -6.97 -2.49 4.43
C SER A 23 -6.48 -3.68 3.62
N ALA A 24 -5.63 -4.48 4.25
CA ALA A 24 -5.06 -5.66 3.61
C ALA A 24 -6.12 -6.72 3.31
N PHE A 25 -7.39 -6.34 3.43
CA PHE A 25 -8.50 -7.26 3.15
C PHE A 25 -9.76 -6.48 2.78
N SER A 26 -9.63 -5.61 1.78
CA SER A 26 -10.75 -4.80 1.31
C SER A 26 -10.64 -4.52 -0.19
N THR A 27 -11.54 -3.70 -0.72
CA THR A 27 -11.53 -3.38 -2.14
C THR A 27 -10.63 -2.19 -2.42
N TRP A 28 -9.76 -2.36 -3.41
CA TRP A 28 -8.81 -1.35 -3.82
C TRP A 28 -9.46 0.03 -3.99
N GLU A 29 -10.76 0.07 -4.24
CA GLU A 29 -11.47 1.33 -4.42
C GLU A 29 -11.70 2.03 -3.09
N LYS A 30 -12.16 1.27 -2.10
CA LYS A 30 -12.36 1.85 -0.78
C LYS A 30 -11.01 2.36 -0.31
N GLU A 31 -9.99 1.57 -0.64
CA GLU A 31 -8.64 1.93 -0.31
C GLU A 31 -8.20 3.13 -1.11
N LEU A 32 -8.86 3.34 -2.25
CA LEU A 32 -8.55 4.49 -3.09
C LEU A 32 -8.78 5.75 -2.30
N HIS A 33 -10.05 6.10 -2.09
CA HIS A 33 -10.38 7.31 -1.37
C HIS A 33 -9.45 7.49 -0.17
N LYS A 34 -9.18 6.37 0.52
CA LYS A 34 -8.32 6.39 1.70
C LYS A 34 -6.99 7.09 1.41
N ILE A 35 -6.37 6.75 0.27
CA ILE A 35 -5.07 7.33 -0.11
C ILE A 35 -5.20 8.44 -1.16
N VAL A 36 -5.96 8.18 -2.22
CA VAL A 36 -6.17 9.14 -3.32
C VAL A 36 -6.37 10.56 -2.81
N PHE A 37 -6.88 10.70 -1.57
CA PHE A 37 -7.04 12.04 -1.00
C PHE A 37 -5.69 12.78 -1.05
N ASP A 38 -4.66 12.02 -1.43
CA ASP A 38 -3.29 12.52 -1.56
C ASP A 38 -2.84 12.39 -3.02
N PRO A 39 -1.94 13.27 -3.49
CA PRO A 39 -1.45 13.23 -4.87
C PRO A 39 -0.33 12.21 -5.05
N ARG A 40 0.17 11.66 -3.96
CA ARG A 40 1.22 10.66 -4.04
C ARG A 40 0.62 9.31 -4.42
N TYR A 41 -0.70 9.27 -4.51
CA TYR A 41 -1.40 8.06 -4.91
C TYR A 41 -1.18 7.83 -6.40
N LEU A 42 -0.81 8.92 -7.08
CA LEU A 42 -0.57 8.89 -8.51
C LEU A 42 0.91 8.78 -8.82
N LEU A 43 1.66 8.11 -7.95
CA LEU A 43 3.10 7.94 -8.13
C LEU A 43 3.41 6.81 -9.11
N LEU A 44 3.30 5.57 -8.64
CA LEU A 44 3.59 4.41 -9.49
C LEU A 44 2.51 4.20 -10.54
N ASN A 45 2.91 3.61 -11.66
CA ASN A 45 1.97 3.32 -12.73
C ASN A 45 1.16 2.08 -12.39
N PRO A 46 0.06 1.81 -13.11
CA PRO A 46 -0.80 0.65 -12.86
C PRO A 46 -0.04 -0.68 -12.81
N LYS A 47 1.26 -0.61 -13.08
CA LYS A 47 2.10 -1.80 -13.04
C LYS A 47 2.79 -1.90 -11.68
N GLU A 48 3.61 -0.90 -11.38
CA GLU A 48 4.32 -0.85 -10.12
C GLU A 48 3.34 -0.67 -8.97
N ARG A 49 2.18 -0.09 -9.27
CA ARG A 49 1.17 0.13 -8.24
C ARG A 49 0.41 -1.16 -7.95
N LYS A 50 0.29 -2.01 -8.97
CA LYS A 50 -0.40 -3.27 -8.82
C LYS A 50 0.38 -4.19 -7.88
N GLN A 51 1.70 -4.19 -8.02
CA GLN A 51 2.55 -5.01 -7.16
C GLN A 51 2.53 -4.50 -5.74
N VAL A 52 2.65 -3.19 -5.57
CA VAL A 52 2.65 -2.58 -4.24
C VAL A 52 1.40 -2.94 -3.45
N PHE A 53 0.27 -3.09 -4.14
CA PHE A 53 -0.98 -3.44 -3.47
C PHE A 53 -1.03 -4.91 -3.07
N ASP A 54 -0.85 -5.80 -4.04
CA ASP A 54 -0.89 -7.24 -3.79
C ASP A 54 0.20 -7.66 -2.82
N GLN A 55 1.34 -6.96 -2.89
CA GLN A 55 2.48 -7.26 -2.04
C GLN A 55 2.26 -6.75 -0.62
N TYR A 56 1.55 -5.64 -0.50
CA TYR A 56 1.27 -5.06 0.80
C TYR A 56 0.22 -5.86 1.52
N VAL A 57 -0.89 -6.11 0.84
CA VAL A 57 -1.99 -6.87 1.39
C VAL A 57 -1.56 -8.28 1.76
N LYS A 58 -0.60 -8.81 1.02
CA LYS A 58 -0.11 -10.17 1.26
C LYS A 58 0.67 -10.26 2.56
N THR A 59 1.75 -9.49 2.65
CA THR A 59 2.60 -9.50 3.85
C THR A 59 1.89 -8.94 5.07
N ARG A 60 1.27 -7.76 4.91
CA ARG A 60 0.57 -7.12 6.02
C ARG A 60 -0.50 -8.03 6.61
N ALA A 61 -1.35 -8.60 5.76
CA ALA A 61 -2.42 -9.48 6.23
C ALA A 61 -1.86 -10.64 7.05
N GLU A 62 -0.94 -11.40 6.46
CA GLU A 62 -0.33 -12.55 7.12
C GLU A 62 0.08 -12.22 8.56
N GLU A 63 0.61 -11.01 8.77
CA GLU A 63 1.05 -10.59 10.09
C GLU A 63 -0.12 -10.19 10.99
N GLU A 64 -0.86 -9.16 10.58
CA GLU A 64 -2.00 -8.68 11.36
C GLU A 64 -3.05 -9.76 11.58
N ARG A 65 -2.92 -10.88 10.86
CA ARG A 65 -3.88 -11.97 10.99
C ARG A 65 -3.43 -12.95 12.05
N ARG A 66 -2.20 -13.43 11.93
CA ARG A 66 -1.65 -14.39 12.88
C ARG A 66 -1.66 -13.83 14.30
N GLU A 67 -1.62 -12.50 14.41
CA GLU A 67 -1.63 -11.85 15.71
C GLU A 67 -3.01 -11.95 16.36
N LYS A 68 -3.97 -11.22 15.82
CA LYS A 68 -5.33 -11.21 16.33
C LYS A 68 -6.31 -10.68 15.30
N LYS A 69 -6.00 -10.91 14.02
CA LYS A 69 -6.86 -10.45 12.93
C LYS A 69 -7.00 -8.92 12.95
N ASN A 70 -6.17 -8.27 13.76
CA ASN A 70 -6.19 -6.81 13.88
C ASN A 70 -7.55 -6.31 14.37
N LYS A 71 -8.49 -6.18 13.45
CA LYS A 71 -9.83 -5.72 13.78
C LYS A 71 -10.49 -6.64 14.80
N GLY A 1 22.44 6.56 -1.30
CA GLY A 1 21.64 5.76 -0.33
C GLY A 1 20.24 6.30 -0.15
N ALA A 2 20.10 7.61 -0.26
CA ALA A 2 18.80 8.26 -0.10
C ALA A 2 18.07 8.37 -1.44
N MET A 3 18.81 8.13 -2.53
CA MET A 3 18.24 8.20 -3.87
C MET A 3 18.00 6.80 -4.42
N GLY A 4 16.75 6.53 -4.82
CA GLY A 4 16.42 5.24 -5.37
C GLY A 4 15.61 5.34 -6.65
N SER A 5 15.27 6.57 -7.03
CA SER A 5 14.49 6.82 -8.25
C SER A 5 13.13 6.13 -8.18
N LEU A 6 13.09 4.87 -8.61
CA LEU A 6 11.83 4.10 -8.59
C LEU A 6 11.56 3.54 -7.20
N GLU A 7 12.60 2.98 -6.59
CA GLU A 7 12.47 2.40 -5.25
C GLU A 7 11.86 3.39 -4.28
N ALA A 8 12.43 4.59 -4.24
CA ALA A 8 11.93 5.62 -3.35
C ALA A 8 10.46 5.88 -3.60
N ARG A 9 10.06 5.85 -4.87
CA ARG A 9 8.67 6.07 -5.23
C ARG A 9 7.80 4.94 -4.68
N MET A 10 8.32 3.72 -4.77
CA MET A 10 7.62 2.55 -4.27
C MET A 10 7.68 2.53 -2.74
N LYS A 11 8.48 3.44 -2.19
CA LYS A 11 8.65 3.55 -0.76
C LYS A 11 7.66 4.55 -0.22
N GLN A 12 7.52 5.67 -0.94
CA GLN A 12 6.58 6.70 -0.56
C GLN A 12 5.17 6.16 -0.74
N PHE A 13 5.03 5.14 -1.59
CA PHE A 13 3.74 4.55 -1.84
C PHE A 13 3.41 3.54 -0.75
N LYS A 14 4.30 2.57 -0.56
CA LYS A 14 4.10 1.55 0.45
C LYS A 14 3.84 2.22 1.80
N ASP A 15 4.60 3.28 2.07
CA ASP A 15 4.45 4.03 3.31
C ASP A 15 3.05 4.61 3.40
N MET A 16 2.62 5.26 2.32
CA MET A 16 1.28 5.85 2.26
C MET A 16 0.23 4.77 2.53
N LEU A 17 0.50 3.57 2.04
CA LEU A 17 -0.40 2.44 2.23
C LEU A 17 -0.57 2.16 3.72
N LEU A 18 0.51 2.39 4.47
CA LEU A 18 0.50 2.17 5.91
C LEU A 18 -0.06 3.40 6.62
N GLU A 19 0.01 4.55 5.95
CA GLU A 19 -0.49 5.80 6.52
C GLU A 19 -1.98 5.76 6.78
N ARG A 20 -2.78 5.55 5.72
CA ARG A 20 -4.24 5.50 5.87
C ARG A 20 -4.72 4.07 5.91
N GLY A 21 -3.77 3.15 5.85
CA GLY A 21 -4.08 1.74 5.88
C GLY A 21 -4.91 1.30 4.69
N VAL A 22 -4.24 0.80 3.67
CA VAL A 22 -4.90 0.31 2.48
C VAL A 22 -5.36 -1.12 2.73
N SER A 23 -6.22 -1.24 3.77
CA SER A 23 -6.78 -2.50 4.22
C SER A 23 -6.21 -3.70 3.49
N ALA A 24 -5.39 -4.47 4.19
CA ALA A 24 -4.76 -5.66 3.63
C ALA A 24 -5.78 -6.75 3.33
N PHE A 25 -7.06 -6.39 3.37
CA PHE A 25 -8.14 -7.32 3.09
C PHE A 25 -9.43 -6.59 2.73
N SER A 26 -9.37 -5.77 1.68
CA SER A 26 -10.53 -5.01 1.23
C SER A 26 -10.47 -4.77 -0.28
N THR A 27 -11.25 -3.80 -0.77
CA THR A 27 -11.29 -3.49 -2.20
C THR A 27 -10.44 -2.27 -2.51
N TRP A 28 -9.64 -2.40 -3.57
CA TRP A 28 -8.74 -1.34 -4.01
C TRP A 28 -9.44 0.02 -4.13
N GLU A 29 -10.75 0.02 -4.38
CA GLU A 29 -11.49 1.27 -4.51
C GLU A 29 -11.69 1.96 -3.17
N LYS A 30 -12.15 1.21 -2.18
CA LYS A 30 -12.32 1.78 -0.86
C LYS A 30 -10.97 2.29 -0.40
N GLU A 31 -9.95 1.50 -0.73
CA GLU A 31 -8.59 1.86 -0.38
C GLU A 31 -8.14 3.04 -1.20
N LEU A 32 -8.83 3.29 -2.31
CA LEU A 32 -8.51 4.43 -3.14
C LEU A 32 -8.77 5.69 -2.37
N HIS A 33 -10.04 6.00 -2.14
CA HIS A 33 -10.37 7.23 -1.42
C HIS A 33 -9.44 7.41 -0.23
N LYS A 34 -9.09 6.30 0.42
CA LYS A 34 -8.19 6.35 1.58
C LYS A 34 -6.89 7.08 1.24
N ILE A 35 -6.23 6.66 0.15
CA ILE A 35 -4.96 7.25 -0.27
C ILE A 35 -5.13 8.39 -1.28
N VAL A 36 -5.90 8.13 -2.34
CA VAL A 36 -6.17 9.10 -3.41
C VAL A 36 -6.43 10.50 -2.87
N PHE A 37 -6.95 10.59 -1.65
CA PHE A 37 -7.17 11.90 -1.03
C PHE A 37 -5.85 12.67 -0.97
N ASP A 38 -4.80 11.99 -1.42
CA ASP A 38 -3.45 12.52 -1.47
C ASP A 38 -2.91 12.43 -2.90
N PRO A 39 -2.01 13.35 -3.31
CA PRO A 39 -1.43 13.34 -4.64
C PRO A 39 -0.32 12.30 -4.78
N ARG A 40 0.01 11.65 -3.67
CA ARG A 40 1.03 10.63 -3.69
C ARG A 40 0.47 9.31 -4.21
N TYR A 41 -0.84 9.30 -4.46
CA TYR A 41 -1.49 8.11 -4.99
C TYR A 41 -1.16 7.98 -6.47
N LEU A 42 -0.75 9.11 -7.06
CA LEU A 42 -0.40 9.16 -8.47
C LEU A 42 1.10 9.01 -8.67
N LEU A 43 1.75 8.31 -7.74
CA LEU A 43 3.19 8.09 -7.81
C LEU A 43 3.56 7.03 -8.84
N LEU A 44 3.39 5.77 -8.47
CA LEU A 44 3.72 4.66 -9.37
C LEU A 44 2.74 4.56 -10.53
N ASN A 45 3.02 3.61 -11.42
CA ASN A 45 2.19 3.37 -12.58
C ASN A 45 1.18 2.26 -12.28
N PRO A 46 0.11 2.12 -13.09
CA PRO A 46 -0.92 1.09 -12.87
C PRO A 46 -0.33 -0.32 -12.72
N LYS A 47 0.99 -0.43 -12.93
CA LYS A 47 1.67 -1.71 -12.82
C LYS A 47 2.38 -1.81 -11.47
N GLU A 48 3.29 -0.87 -11.24
CA GLU A 48 4.04 -0.83 -9.99
C GLU A 48 3.08 -0.69 -8.80
N ARG A 49 1.90 -0.13 -9.06
CA ARG A 49 0.92 0.06 -8.01
C ARG A 49 0.16 -1.24 -7.74
N LYS A 50 -0.01 -2.03 -8.79
CA LYS A 50 -0.71 -3.31 -8.67
C LYS A 50 0.09 -4.31 -7.84
N GLN A 51 1.41 -4.21 -7.92
CA GLN A 51 2.29 -5.10 -7.18
C GLN A 51 2.48 -4.60 -5.76
N VAL A 52 2.52 -3.28 -5.59
CA VAL A 52 2.68 -2.68 -4.28
C VAL A 52 1.45 -2.96 -3.42
N PHE A 53 0.31 -3.11 -4.08
CA PHE A 53 -0.95 -3.38 -3.39
C PHE A 53 -1.03 -4.85 -3.00
N ASP A 54 -0.77 -5.74 -3.96
CA ASP A 54 -0.82 -7.18 -3.70
C ASP A 54 0.26 -7.57 -2.70
N GLN A 55 1.40 -6.91 -2.78
CA GLN A 55 2.52 -7.19 -1.90
C GLN A 55 2.26 -6.65 -0.50
N TYR A 56 1.51 -5.55 -0.42
CA TYR A 56 1.18 -4.96 0.86
C TYR A 56 0.10 -5.78 1.55
N VAL A 57 -1.02 -5.96 0.87
CA VAL A 57 -2.13 -6.71 1.41
C VAL A 57 -1.70 -8.13 1.78
N LYS A 58 -0.67 -8.63 1.12
CA LYS A 58 -0.18 -9.97 1.39
C LYS A 58 0.59 -10.04 2.71
N THR A 59 1.77 -9.41 2.73
CA THR A 59 2.60 -9.41 3.92
C THR A 59 1.89 -8.80 5.12
N ARG A 60 1.06 -7.79 4.87
CA ARG A 60 0.32 -7.13 5.94
C ARG A 60 -0.74 -8.04 6.52
N ALA A 61 -1.49 -8.74 5.66
CA ALA A 61 -2.53 -9.63 6.12
C ALA A 61 -1.95 -10.72 7.00
N GLU A 62 -0.77 -11.20 6.66
CA GLU A 62 -0.10 -12.24 7.42
C GLU A 62 0.17 -11.76 8.84
N GLU A 63 0.73 -10.56 8.97
CA GLU A 63 1.05 -10.00 10.27
C GLU A 63 -0.22 -9.61 11.04
N GLU A 64 -0.99 -8.67 10.49
CA GLU A 64 -2.22 -8.20 11.12
C GLU A 64 -3.09 -9.36 11.60
N ARG A 65 -3.39 -10.29 10.71
CA ARG A 65 -4.24 -11.44 11.04
C ARG A 65 -3.62 -12.31 12.13
N ARG A 66 -2.30 -12.49 12.10
CA ARG A 66 -1.62 -13.33 13.09
C ARG A 66 -1.45 -12.59 14.41
N GLU A 67 -1.63 -11.27 14.39
CA GLU A 67 -1.48 -10.47 15.60
C GLU A 67 -2.80 -10.37 16.36
N LYS A 68 -3.78 -9.70 15.76
CA LYS A 68 -5.09 -9.54 16.38
C LYS A 68 -5.80 -10.88 16.51
N LYS A 69 -5.53 -11.77 15.55
CA LYS A 69 -6.13 -13.11 15.55
C LYS A 69 -7.66 -13.03 15.54
N ASN A 70 -8.26 -13.32 14.39
CA ASN A 70 -9.71 -13.28 14.25
C ASN A 70 -10.33 -14.61 14.66
N LYS A 71 -9.59 -15.39 15.44
CA LYS A 71 -10.06 -16.69 15.91
C LYS A 71 -10.41 -17.60 14.73
N GLY A 1 18.12 6.56 -10.35
CA GLY A 1 19.42 7.23 -10.12
C GLY A 1 19.34 8.32 -9.07
N ALA A 2 20.16 8.22 -8.03
CA ALA A 2 20.18 9.19 -6.94
C ALA A 2 18.87 9.21 -6.18
N MET A 3 18.96 9.08 -4.86
CA MET A 3 17.78 9.08 -3.99
C MET A 3 16.86 7.91 -4.32
N GLY A 4 17.35 6.99 -5.14
CA GLY A 4 16.55 5.84 -5.52
C GLY A 4 15.60 6.14 -6.67
N SER A 5 15.01 7.33 -6.65
CA SER A 5 14.07 7.75 -7.69
C SER A 5 12.85 6.83 -7.73
N LEU A 6 12.97 5.72 -8.45
CA LEU A 6 11.87 4.77 -8.56
C LEU A 6 11.64 4.06 -7.23
N GLU A 7 12.74 3.69 -6.57
CA GLU A 7 12.65 3.01 -5.29
C GLU A 7 11.92 3.88 -4.27
N ALA A 8 12.39 5.10 -4.10
CA ALA A 8 11.78 6.02 -3.16
C ALA A 8 10.30 6.19 -3.46
N ARG A 9 9.93 6.01 -4.74
CA ARG A 9 8.54 6.13 -5.15
C ARG A 9 7.73 4.99 -4.56
N MET A 10 8.22 3.77 -4.75
CA MET A 10 7.56 2.59 -4.22
C MET A 10 7.70 2.55 -2.71
N LYS A 11 8.49 3.47 -2.18
CA LYS A 11 8.73 3.56 -0.74
C LYS A 11 7.66 4.43 -0.11
N GLN A 12 7.51 5.62 -0.64
CA GLN A 12 6.50 6.56 -0.15
C GLN A 12 5.11 6.01 -0.45
N PHE A 13 5.04 5.06 -1.37
CA PHE A 13 3.76 4.46 -1.73
C PHE A 13 3.40 3.38 -0.73
N LYS A 14 4.25 2.36 -0.61
CA LYS A 14 4.01 1.28 0.33
C LYS A 14 3.71 1.84 1.71
N ASP A 15 4.59 2.73 2.16
CA ASP A 15 4.43 3.38 3.45
C ASP A 15 3.06 4.07 3.52
N MET A 16 2.74 4.82 2.47
CA MET A 16 1.46 5.53 2.40
C MET A 16 0.31 4.57 2.68
N LEU A 17 0.43 3.35 2.17
CA LEU A 17 -0.59 2.34 2.37
C LEU A 17 -0.78 2.06 3.85
N LEU A 18 0.34 1.96 4.57
CA LEU A 18 0.31 1.71 6.00
C LEU A 18 -0.01 2.98 6.77
N GLU A 19 0.07 4.13 6.09
CA GLU A 19 -0.21 5.41 6.72
C GLU A 19 -1.71 5.58 6.98
N ARG A 20 -2.52 5.41 5.95
CA ARG A 20 -3.96 5.55 6.09
C ARG A 20 -4.60 4.18 6.35
N GLY A 21 -3.94 3.15 5.86
CA GLY A 21 -4.45 1.80 6.04
C GLY A 21 -5.19 1.30 4.83
N VAL A 22 -4.44 0.81 3.85
CA VAL A 22 -5.03 0.27 2.64
C VAL A 22 -5.44 -1.16 2.90
N SER A 23 -6.38 -1.29 3.85
CA SER A 23 -6.94 -2.57 4.27
C SER A 23 -6.35 -3.74 3.50
N ALA A 24 -5.48 -4.48 4.16
CA ALA A 24 -4.82 -5.64 3.56
C ALA A 24 -5.82 -6.72 3.15
N PHE A 25 -7.11 -6.42 3.26
CA PHE A 25 -8.15 -7.37 2.88
C PHE A 25 -9.46 -6.66 2.54
N SER A 26 -9.40 -5.76 1.56
CA SER A 26 -10.58 -5.01 1.12
C SER A 26 -10.52 -4.73 -0.38
N THR A 27 -11.32 -3.77 -0.84
CA THR A 27 -11.33 -3.42 -2.25
C THR A 27 -10.46 -2.21 -2.54
N TRP A 28 -9.55 -2.38 -3.49
CA TRP A 28 -8.60 -1.35 -3.90
C TRP A 28 -9.27 0.02 -4.10
N GLU A 29 -10.57 0.03 -4.38
CA GLU A 29 -11.29 1.29 -4.58
C GLU A 29 -11.56 1.99 -3.26
N LYS A 30 -12.04 1.24 -2.29
CA LYS A 30 -12.27 1.82 -0.97
C LYS A 30 -10.93 2.33 -0.47
N GLU A 31 -9.92 1.53 -0.75
CA GLU A 31 -8.57 1.88 -0.37
C GLU A 31 -8.11 3.08 -1.18
N LEU A 32 -8.71 3.27 -2.34
CA LEU A 32 -8.37 4.41 -3.18
C LEU A 32 -8.61 5.67 -2.39
N HIS A 33 -9.88 6.04 -2.21
CA HIS A 33 -10.21 7.26 -1.49
C HIS A 33 -9.32 7.44 -0.27
N LYS A 34 -9.08 6.34 0.45
CA LYS A 34 -8.24 6.39 1.65
C LYS A 34 -6.92 7.10 1.38
N ILE A 35 -6.27 6.75 0.28
CA ILE A 35 -4.97 7.32 -0.09
C ILE A 35 -5.07 8.42 -1.15
N VAL A 36 -5.80 8.14 -2.23
CA VAL A 36 -5.98 9.08 -3.35
C VAL A 36 -6.23 10.51 -2.88
N PHE A 37 -6.79 10.69 -1.68
CA PHE A 37 -7.00 12.04 -1.16
C PHE A 37 -5.65 12.79 -1.19
N ASP A 38 -4.60 12.04 -1.49
CA ASP A 38 -3.24 12.55 -1.59
C ASP A 38 -2.75 12.45 -3.04
N PRO A 39 -1.87 13.36 -3.48
CA PRO A 39 -1.35 13.32 -4.85
C PRO A 39 -0.20 12.33 -5.00
N ARG A 40 0.22 11.74 -3.88
CA ARG A 40 1.29 10.76 -3.93
C ARG A 40 0.73 9.39 -4.32
N TYR A 41 -0.57 9.34 -4.57
CA TYR A 41 -1.22 8.12 -4.99
C TYR A 41 -0.97 7.91 -6.47
N LEU A 42 -0.67 9.02 -7.15
CA LEU A 42 -0.41 9.01 -8.58
C LEU A 42 1.08 8.84 -8.86
N LEU A 43 1.79 8.21 -7.93
CA LEU A 43 3.22 7.99 -8.08
C LEU A 43 3.53 6.88 -9.08
N LEU A 44 3.37 5.63 -8.66
CA LEU A 44 3.66 4.50 -9.54
C LEU A 44 2.66 4.41 -10.69
N ASN A 45 2.93 3.49 -11.60
CA ASN A 45 2.07 3.27 -12.76
C ASN A 45 1.03 2.20 -12.43
N PRO A 46 -0.06 2.10 -13.21
CA PRO A 46 -1.12 1.10 -12.98
C PRO A 46 -0.58 -0.32 -12.82
N LYS A 47 0.72 -0.48 -13.06
CA LYS A 47 1.35 -1.79 -12.94
C LYS A 47 2.11 -1.87 -11.61
N GLU A 48 3.03 -0.93 -11.41
CA GLU A 48 3.81 -0.89 -10.19
C GLU A 48 2.89 -0.70 -8.98
N ARG A 49 1.68 -0.21 -9.22
CA ARG A 49 0.71 -0.02 -8.15
C ARG A 49 0.04 -1.35 -7.83
N LYS A 50 -0.09 -2.18 -8.85
CA LYS A 50 -0.70 -3.49 -8.71
C LYS A 50 0.15 -4.41 -7.83
N GLN A 51 1.47 -4.24 -7.92
CA GLN A 51 2.39 -5.05 -7.12
C GLN A 51 2.48 -4.52 -5.69
N VAL A 52 2.63 -3.21 -5.53
CA VAL A 52 2.70 -2.62 -4.20
C VAL A 52 1.44 -2.93 -3.41
N PHE A 53 0.34 -3.17 -4.13
CA PHE A 53 -0.94 -3.48 -3.51
C PHE A 53 -0.99 -4.94 -3.07
N ASP A 54 -0.74 -5.85 -4.01
CA ASP A 54 -0.75 -7.28 -3.72
C ASP A 54 0.34 -7.65 -2.72
N GLN A 55 1.41 -6.88 -2.73
CA GLN A 55 2.55 -7.12 -1.85
C GLN A 55 2.25 -6.59 -0.45
N TYR A 56 1.54 -5.48 -0.37
CA TYR A 56 1.21 -4.87 0.90
C TYR A 56 0.14 -5.71 1.60
N VAL A 57 -0.92 -5.99 0.88
CA VAL A 57 -2.02 -6.77 1.43
C VAL A 57 -1.56 -8.15 1.86
N LYS A 58 -0.61 -8.71 1.11
CA LYS A 58 -0.10 -10.04 1.43
C LYS A 58 0.61 -10.05 2.77
N THR A 59 1.71 -9.31 2.87
CA THR A 59 2.49 -9.26 4.12
C THR A 59 1.68 -8.67 5.27
N ARG A 60 1.00 -7.56 5.02
CA ARG A 60 0.21 -6.90 6.05
C ARG A 60 -0.87 -7.82 6.62
N ALA A 61 -1.62 -8.48 5.74
CA ALA A 61 -2.69 -9.38 6.18
C ALA A 61 -2.13 -10.48 7.08
N GLU A 62 -0.92 -10.95 6.77
CA GLU A 62 -0.29 -11.99 7.57
C GLU A 62 -0.15 -11.56 9.02
N GLU A 63 0.46 -10.39 9.23
CA GLU A 63 0.65 -9.86 10.58
C GLU A 63 -0.69 -9.48 11.21
N GLU A 64 -1.50 -8.75 10.45
CA GLU A 64 -2.81 -8.31 10.92
C GLU A 64 -3.65 -9.47 11.42
N ARG A 65 -4.09 -10.31 10.49
CA ARG A 65 -4.93 -11.47 10.80
C ARG A 65 -4.39 -12.30 11.96
N ARG A 66 -3.10 -12.65 11.90
CA ARG A 66 -2.50 -13.47 12.97
C ARG A 66 -2.60 -12.76 14.32
N GLU A 67 -2.68 -11.44 14.29
CA GLU A 67 -2.77 -10.64 15.52
C GLU A 67 -4.23 -10.40 15.90
N LYS A 68 -5.14 -10.58 14.94
CA LYS A 68 -6.56 -10.37 15.18
C LYS A 68 -7.31 -11.70 15.26
N LYS A 69 -7.73 -12.21 14.10
CA LYS A 69 -8.45 -13.47 14.04
C LYS A 69 -8.66 -13.91 12.60
N ASN A 70 -9.29 -13.06 11.80
CA ASN A 70 -9.55 -13.37 10.40
C ASN A 70 -9.78 -12.08 9.60
N LYS A 71 -10.62 -11.19 10.13
CA LYS A 71 -10.92 -9.94 9.47
C LYS A 71 -10.98 -8.79 10.47
N GLY A 1 17.49 3.92 4.66
CA GLY A 1 16.72 3.05 3.74
C GLY A 1 15.84 3.84 2.79
N ALA A 2 16.37 4.96 2.28
CA ALA A 2 15.62 5.80 1.36
C ALA A 2 16.54 6.39 0.30
N MET A 3 16.93 5.56 -0.67
CA MET A 3 17.81 6.00 -1.75
C MET A 3 17.33 5.44 -3.09
N GLY A 4 17.54 6.21 -4.15
CA GLY A 4 17.13 5.78 -5.47
C GLY A 4 16.09 6.69 -6.08
N SER A 5 15.42 6.21 -7.13
CA SER A 5 14.39 6.99 -7.81
C SER A 5 13.07 6.25 -7.83
N LEU A 6 13.04 5.12 -8.52
CA LEU A 6 11.82 4.32 -8.61
C LEU A 6 11.54 3.60 -7.30
N GLU A 7 12.56 2.94 -6.76
CA GLU A 7 12.43 2.21 -5.50
C GLU A 7 11.88 3.13 -4.42
N ALA A 8 12.45 4.33 -4.32
CA ALA A 8 12.01 5.29 -3.33
C ALA A 8 10.53 5.59 -3.52
N ARG A 9 10.11 5.72 -4.77
CA ARG A 9 8.71 6.00 -5.08
C ARG A 9 7.84 4.85 -4.59
N MET A 10 8.35 3.63 -4.72
CA MET A 10 7.62 2.45 -4.25
C MET A 10 7.72 2.35 -2.74
N LYS A 11 8.60 3.17 -2.18
CA LYS A 11 8.82 3.18 -0.74
C LYS A 11 7.86 4.15 -0.09
N GLN A 12 7.76 5.34 -0.67
CA GLN A 12 6.84 6.35 -0.17
C GLN A 12 5.41 5.93 -0.46
N PHE A 13 5.24 5.04 -1.43
CA PHE A 13 3.92 4.57 -1.79
C PHE A 13 3.46 3.49 -0.83
N LYS A 14 4.20 2.39 -0.78
CA LYS A 14 3.86 1.28 0.10
C LYS A 14 3.60 1.79 1.52
N ASP A 15 4.53 2.60 2.02
CA ASP A 15 4.41 3.15 3.35
C ASP A 15 3.14 3.99 3.45
N MET A 16 2.89 4.83 2.44
CA MET A 16 1.71 5.68 2.43
C MET A 16 0.45 4.82 2.54
N LEU A 17 0.49 3.62 1.99
CA LEU A 17 -0.67 2.73 2.06
C LEU A 17 -0.96 2.40 3.52
N LEU A 18 0.09 2.02 4.24
CA LEU A 18 -0.03 1.69 5.65
C LEU A 18 -0.45 2.91 6.45
N GLU A 19 -0.10 4.09 5.95
CA GLU A 19 -0.44 5.35 6.62
C GLU A 19 -1.95 5.49 6.75
N ARG A 20 -2.67 5.39 5.62
CA ARG A 20 -4.12 5.51 5.65
C ARG A 20 -4.76 4.14 5.81
N GLY A 21 -3.90 3.13 5.92
CA GLY A 21 -4.36 1.77 6.06
C GLY A 21 -5.14 1.29 4.87
N VAL A 22 -4.42 0.82 3.85
CA VAL A 22 -5.04 0.30 2.64
C VAL A 22 -5.47 -1.13 2.91
N SER A 23 -6.31 -1.26 3.94
CA SER A 23 -6.87 -2.54 4.39
C SER A 23 -6.33 -3.73 3.61
N ALA A 24 -5.51 -4.52 4.28
CA ALA A 24 -4.90 -5.69 3.67
C ALA A 24 -5.92 -6.81 3.45
N PHE A 25 -7.20 -6.43 3.41
CA PHE A 25 -8.29 -7.38 3.21
C PHE A 25 -9.56 -6.65 2.77
N SER A 26 -9.41 -5.73 1.81
CA SER A 26 -10.54 -4.97 1.29
C SER A 26 -10.43 -4.77 -0.22
N THR A 27 -11.26 -3.87 -0.77
CA THR A 27 -11.24 -3.60 -2.20
C THR A 27 -10.40 -2.37 -2.52
N TRP A 28 -9.58 -2.49 -3.55
CA TRP A 28 -8.69 -1.42 -4.00
C TRP A 28 -9.43 -0.08 -4.16
N GLU A 29 -10.75 -0.13 -4.32
CA GLU A 29 -11.52 1.09 -4.51
C GLU A 29 -11.75 1.81 -3.19
N LYS A 30 -12.18 1.07 -2.19
CA LYS A 30 -12.39 1.67 -0.88
C LYS A 30 -11.07 2.27 -0.42
N GLU A 31 -10.01 1.51 -0.67
CA GLU A 31 -8.69 1.93 -0.32
C GLU A 31 -8.23 3.03 -1.27
N LEU A 32 -8.87 3.10 -2.44
CA LEU A 32 -8.54 4.13 -3.40
C LEU A 32 -8.73 5.48 -2.76
N HIS A 33 -9.99 5.85 -2.56
CA HIS A 33 -10.30 7.14 -1.96
C HIS A 33 -9.46 7.37 -0.71
N LYS A 34 -9.26 6.31 0.07
CA LYS A 34 -8.46 6.42 1.29
C LYS A 34 -7.12 7.11 1.04
N ILE A 35 -6.46 6.74 -0.06
CA ILE A 35 -5.15 7.30 -0.39
C ILE A 35 -5.19 8.38 -1.48
N VAL A 36 -6.23 8.38 -2.32
CA VAL A 36 -6.31 9.37 -3.41
C VAL A 36 -6.39 10.78 -2.84
N PHE A 37 -6.96 10.91 -1.64
CA PHE A 37 -7.03 12.22 -1.01
C PHE A 37 -5.62 12.78 -0.86
N ASP A 38 -4.64 11.92 -1.11
CA ASP A 38 -3.23 12.27 -1.03
C ASP A 38 -2.61 12.25 -2.42
N PRO A 39 -1.64 13.13 -2.70
CA PRO A 39 -0.97 13.18 -4.00
C PRO A 39 0.02 12.05 -4.17
N ARG A 40 0.19 11.25 -3.12
CA ARG A 40 1.09 10.12 -3.15
C ARG A 40 0.43 8.97 -3.88
N TYR A 41 -0.89 9.04 -4.02
CA TYR A 41 -1.65 8.02 -4.70
C TYR A 41 -1.31 8.02 -6.18
N LEU A 42 -0.75 9.14 -6.64
CA LEU A 42 -0.38 9.31 -8.03
C LEU A 42 1.13 9.12 -8.23
N LEU A 43 1.71 8.20 -7.46
CA LEU A 43 3.14 7.93 -7.55
C LEU A 43 3.49 6.95 -8.67
N LEU A 44 3.25 5.66 -8.41
CA LEU A 44 3.58 4.62 -9.40
C LEU A 44 2.64 4.62 -10.59
N ASN A 45 2.80 3.62 -11.45
CA ASN A 45 1.99 3.45 -12.63
C ASN A 45 1.02 2.28 -12.44
N PRO A 46 -0.04 2.18 -13.29
CA PRO A 46 -1.04 1.11 -13.18
C PRO A 46 -0.46 -0.28 -12.97
N LYS A 47 0.85 -0.42 -13.17
CA LYS A 47 1.52 -1.71 -13.00
C LYS A 47 2.18 -1.78 -11.62
N GLU A 48 3.07 -0.83 -11.36
CA GLU A 48 3.77 -0.76 -10.08
C GLU A 48 2.78 -0.59 -8.94
N ARG A 49 1.61 -0.05 -9.24
CA ARG A 49 0.58 0.15 -8.22
C ARG A 49 -0.01 -1.19 -7.82
N LYS A 50 0.04 -2.15 -8.74
CA LYS A 50 -0.50 -3.48 -8.51
C LYS A 50 0.43 -4.31 -7.63
N GLN A 51 1.73 -4.19 -7.88
CA GLN A 51 2.72 -4.95 -7.12
C GLN A 51 2.80 -4.44 -5.69
N VAL A 52 2.74 -3.13 -5.51
CA VAL A 52 2.81 -2.54 -4.18
C VAL A 52 1.58 -2.90 -3.35
N PHE A 53 0.40 -2.77 -3.94
CA PHE A 53 -0.85 -3.08 -3.25
C PHE A 53 -0.95 -4.58 -2.97
N ASP A 54 -0.56 -5.40 -3.93
CA ASP A 54 -0.62 -6.85 -3.75
C ASP A 54 0.41 -7.31 -2.73
N GLN A 55 1.59 -6.69 -2.79
CA GLN A 55 2.68 -7.02 -1.88
C GLN A 55 2.39 -6.49 -0.48
N TYR A 56 1.59 -5.43 -0.43
CA TYR A 56 1.23 -4.81 0.84
C TYR A 56 0.18 -5.66 1.54
N VAL A 57 -0.96 -5.81 0.88
CA VAL A 57 -2.05 -6.59 1.43
C VAL A 57 -1.59 -7.97 1.86
N LYS A 58 -0.62 -8.50 1.13
CA LYS A 58 -0.10 -9.82 1.40
C LYS A 58 0.68 -9.86 2.73
N THR A 59 1.84 -9.22 2.76
CA THR A 59 2.67 -9.22 3.96
C THR A 59 1.99 -8.54 5.14
N ARG A 60 1.39 -7.38 4.90
CA ARG A 60 0.70 -6.64 5.95
C ARG A 60 -0.36 -7.49 6.63
N ALA A 61 -1.27 -8.06 5.83
CA ALA A 61 -2.33 -8.90 6.38
C ALA A 61 -1.78 -9.95 7.31
N GLU A 62 -0.78 -10.69 6.85
CA GLU A 62 -0.17 -11.75 7.65
C GLU A 62 0.25 -11.23 9.03
N GLU A 63 0.74 -10.00 9.07
CA GLU A 63 1.18 -9.38 10.32
C GLU A 63 0.00 -8.94 11.18
N GLU A 64 -0.76 -7.98 10.68
CA GLU A 64 -1.91 -7.44 11.40
C GLU A 64 -2.94 -8.52 11.74
N ARG A 65 -2.78 -9.71 11.16
CA ARG A 65 -3.71 -10.81 11.44
C ARG A 65 -3.16 -11.75 12.50
N ARG A 66 -1.84 -11.92 12.52
CA ARG A 66 -1.20 -12.80 13.49
C ARG A 66 -1.02 -12.09 14.84
N GLU A 67 -1.21 -10.78 14.86
CA GLU A 67 -1.07 -10.00 16.08
C GLU A 67 -2.37 -9.92 16.86
N LYS A 68 -3.46 -10.39 16.26
CA LYS A 68 -4.76 -10.36 16.93
C LYS A 68 -5.42 -11.74 16.92
N LYS A 69 -5.68 -12.28 15.73
CA LYS A 69 -6.32 -13.58 15.60
C LYS A 69 -7.68 -13.59 16.27
N ASN A 70 -8.34 -14.75 16.27
CA ASN A 70 -9.66 -14.88 16.88
C ASN A 70 -9.54 -14.89 18.41
N LYS A 71 -8.60 -15.68 18.92
CA LYS A 71 -8.38 -15.78 20.37
C LYS A 71 -7.94 -14.44 20.93
N GLY A 1 19.56 2.18 -7.53
CA GLY A 1 18.59 1.08 -7.31
C GLY A 1 17.79 1.26 -6.03
N ALA A 2 18.23 0.59 -4.96
CA ALA A 2 17.55 0.67 -3.67
C ALA A 2 17.64 2.09 -3.10
N MET A 3 16.50 2.60 -2.64
CA MET A 3 16.46 3.94 -2.06
C MET A 3 16.97 4.98 -3.06
N GLY A 4 16.66 4.78 -4.32
CA GLY A 4 17.10 5.71 -5.36
C GLY A 4 15.99 6.61 -5.83
N SER A 5 15.57 6.41 -7.08
CA SER A 5 14.51 7.23 -7.67
C SER A 5 13.20 6.44 -7.75
N LEU A 6 13.23 5.32 -8.46
CA LEU A 6 12.04 4.49 -8.61
C LEU A 6 11.65 3.84 -7.29
N GLU A 7 12.63 3.23 -6.62
CA GLU A 7 12.39 2.58 -5.34
C GLU A 7 11.71 3.55 -4.38
N ALA A 8 12.22 4.77 -4.33
CA ALA A 8 11.67 5.80 -3.47
C ALA A 8 10.18 5.96 -3.75
N ARG A 9 9.81 5.91 -5.02
CA ARG A 9 8.42 6.04 -5.41
C ARG A 9 7.61 4.92 -4.77
N MET A 10 8.17 3.72 -4.81
CA MET A 10 7.52 2.55 -4.21
C MET A 10 7.63 2.61 -2.69
N LYS A 11 8.38 3.61 -2.22
CA LYS A 11 8.58 3.80 -0.79
C LYS A 11 7.50 4.74 -0.26
N GLN A 12 7.35 5.87 -0.92
CA GLN A 12 6.34 6.84 -0.54
C GLN A 12 4.96 6.20 -0.65
N PHE A 13 4.85 5.22 -1.55
CA PHE A 13 3.58 4.53 -1.75
C PHE A 13 3.37 3.49 -0.66
N LYS A 14 4.39 2.67 -0.42
CA LYS A 14 4.31 1.66 0.62
C LYS A 14 3.94 2.33 1.94
N ASP A 15 4.36 3.58 2.08
CA ASP A 15 4.09 4.37 3.28
C ASP A 15 2.62 4.68 3.40
N MET A 16 2.06 5.36 2.39
CA MET A 16 0.63 5.70 2.39
C MET A 16 -0.20 4.47 2.69
N LEU A 17 0.23 3.34 2.17
CA LEU A 17 -0.46 2.09 2.37
C LEU A 17 -0.49 1.70 3.84
N LEU A 18 0.63 1.93 4.53
CA LEU A 18 0.73 1.62 5.95
C LEU A 18 0.33 2.80 6.82
N GLU A 19 -0.05 3.90 6.18
CA GLU A 19 -0.44 5.11 6.89
C GLU A 19 -1.97 5.24 7.00
N ARG A 20 -2.62 5.41 5.85
CA ARG A 20 -4.08 5.54 5.83
C ARG A 20 -4.71 4.18 6.05
N GLY A 21 -3.89 3.14 5.91
CA GLY A 21 -4.35 1.79 6.08
C GLY A 21 -5.10 1.28 4.87
N VAL A 22 -4.36 0.82 3.88
CA VAL A 22 -4.93 0.28 2.67
C VAL A 22 -5.38 -1.14 2.97
N SER A 23 -6.32 -1.23 3.92
CA SER A 23 -6.90 -2.49 4.38
C SER A 23 -6.35 -3.70 3.63
N ALA A 24 -5.48 -4.44 4.30
CA ALA A 24 -4.86 -5.62 3.72
C ALA A 24 -5.91 -6.64 3.25
N PHE A 25 -7.18 -6.35 3.52
CA PHE A 25 -8.27 -7.24 3.12
C PHE A 25 -9.51 -6.43 2.71
N SER A 26 -9.38 -5.67 1.62
CA SER A 26 -10.49 -4.85 1.11
C SER A 26 -10.34 -4.61 -0.39
N THR A 27 -11.23 -3.80 -0.96
CA THR A 27 -11.18 -3.51 -2.39
C THR A 27 -10.31 -2.29 -2.67
N TRP A 28 -9.50 -2.40 -3.71
CA TRP A 28 -8.59 -1.32 -4.11
C TRP A 28 -9.30 0.02 -4.28
N GLU A 29 -10.61 0.00 -4.44
CA GLU A 29 -11.36 1.25 -4.61
C GLU A 29 -11.57 1.94 -3.28
N LYS A 30 -11.97 1.18 -2.28
CA LYS A 30 -12.16 1.76 -0.96
C LYS A 30 -10.82 2.31 -0.51
N GLU A 31 -9.79 1.53 -0.81
CA GLU A 31 -8.44 1.90 -0.47
C GLU A 31 -7.97 3.03 -1.37
N LEU A 32 -8.63 3.15 -2.53
CA LEU A 32 -8.31 4.20 -3.48
C LEU A 32 -8.47 5.55 -2.81
N HIS A 33 -9.71 5.91 -2.54
CA HIS A 33 -10.01 7.19 -1.93
C HIS A 33 -9.20 7.40 -0.66
N LYS A 34 -9.00 6.33 0.11
CA LYS A 34 -8.23 6.44 1.35
C LYS A 34 -6.88 7.13 1.12
N ILE A 35 -6.20 6.75 0.04
CA ILE A 35 -4.89 7.34 -0.28
C ILE A 35 -4.97 8.39 -1.39
N VAL A 36 -6.11 8.41 -2.07
CA VAL A 36 -6.34 9.32 -3.18
C VAL A 36 -6.39 10.76 -2.72
N PHE A 37 -6.89 10.98 -1.50
CA PHE A 37 -6.94 12.33 -0.95
C PHE A 37 -5.54 12.93 -0.98
N ASP A 38 -4.56 12.06 -1.21
CA ASP A 38 -3.16 12.45 -1.29
C ASP A 38 -2.67 12.35 -2.73
N PRO A 39 -1.77 13.25 -3.16
CA PRO A 39 -1.23 13.23 -4.52
C PRO A 39 -0.17 12.16 -4.72
N ARG A 40 0.32 11.60 -3.62
CA ARG A 40 1.33 10.55 -3.70
C ARG A 40 0.70 9.26 -4.20
N TYR A 41 -0.63 9.27 -4.34
CA TYR A 41 -1.34 8.10 -4.84
C TYR A 41 -1.09 7.96 -6.34
N LEU A 42 -0.69 9.08 -6.95
CA LEU A 42 -0.42 9.11 -8.38
C LEU A 42 1.08 8.97 -8.66
N LEU A 43 1.76 8.26 -7.78
CA LEU A 43 3.20 8.04 -7.92
C LEU A 43 3.52 6.95 -8.93
N LEU A 44 3.36 5.70 -8.51
CA LEU A 44 3.63 4.55 -9.38
C LEU A 44 2.64 4.47 -10.53
N ASN A 45 2.87 3.52 -11.42
CA ASN A 45 2.00 3.29 -12.57
C ASN A 45 1.02 2.15 -12.26
N PRO A 46 -0.05 1.99 -13.06
CA PRO A 46 -1.06 0.93 -12.85
C PRO A 46 -0.43 -0.46 -12.72
N LYS A 47 0.87 -0.55 -12.93
CA LYS A 47 1.58 -1.83 -12.82
C LYS A 47 2.25 -1.93 -11.46
N GLU A 48 3.15 -0.99 -11.19
CA GLU A 48 3.87 -0.98 -9.93
C GLU A 48 2.91 -0.84 -8.76
N ARG A 49 1.76 -0.21 -9.01
CA ARG A 49 0.75 -0.03 -7.97
C ARG A 49 0.00 -1.33 -7.73
N LYS A 50 -0.09 -2.14 -8.78
CA LYS A 50 -0.76 -3.43 -8.70
C LYS A 50 0.03 -4.39 -7.80
N GLN A 51 1.36 -4.29 -7.87
CA GLN A 51 2.23 -5.15 -7.08
C GLN A 51 2.46 -4.54 -5.70
N VAL A 52 2.46 -3.23 -5.61
CA VAL A 52 2.66 -2.55 -4.33
C VAL A 52 1.46 -2.80 -3.42
N PHE A 53 0.28 -2.90 -4.04
CA PHE A 53 -0.95 -3.14 -3.32
C PHE A 53 -1.05 -4.62 -2.92
N ASP A 54 -0.76 -5.50 -3.87
CA ASP A 54 -0.83 -6.93 -3.62
C ASP A 54 0.26 -7.39 -2.66
N GLN A 55 1.40 -6.70 -2.69
CA GLN A 55 2.52 -7.03 -1.83
C GLN A 55 2.28 -6.57 -0.40
N TYR A 56 1.65 -5.41 -0.25
CA TYR A 56 1.36 -4.86 1.06
C TYR A 56 0.27 -5.66 1.74
N VAL A 57 -0.80 -5.91 1.01
CA VAL A 57 -1.93 -6.65 1.53
C VAL A 57 -1.57 -8.11 1.80
N LYS A 58 -0.58 -8.62 1.07
CA LYS A 58 -0.16 -10.00 1.24
C LYS A 58 0.62 -10.19 2.55
N THR A 59 1.78 -9.58 2.63
CA THR A 59 2.63 -9.71 3.82
C THR A 59 1.90 -9.26 5.08
N ARG A 60 1.23 -8.11 5.00
CA ARG A 60 0.51 -7.57 6.15
C ARG A 60 -0.60 -8.51 6.61
N ALA A 61 -1.54 -8.81 5.72
CA ALA A 61 -2.66 -9.69 6.06
C ALA A 61 -2.19 -10.98 6.69
N GLU A 62 -1.03 -11.47 6.27
CA GLU A 62 -0.49 -12.71 6.81
C GLU A 62 -0.15 -12.56 8.29
N GLU A 63 0.45 -11.43 8.64
CA GLU A 63 0.82 -11.16 10.03
C GLU A 63 -0.38 -10.77 10.88
N GLU A 64 -1.22 -9.88 10.35
CA GLU A 64 -2.39 -9.41 11.07
C GLU A 64 -3.39 -10.53 11.34
N ARG A 65 -3.67 -11.33 10.30
CA ARG A 65 -4.61 -12.44 10.43
C ARG A 65 -4.08 -13.55 11.32
N ARG A 66 -2.81 -13.89 11.18
CA ARG A 66 -2.21 -14.96 11.98
C ARG A 66 -2.22 -14.63 13.47
N GLU A 67 -2.11 -13.34 13.77
CA GLU A 67 -2.11 -12.89 15.16
C GLU A 67 -3.54 -12.66 15.67
N LYS A 68 -4.27 -11.80 14.97
CA LYS A 68 -5.65 -11.51 15.34
C LYS A 68 -6.62 -11.98 14.26
N LYS A 69 -6.83 -13.30 14.20
CA LYS A 69 -7.72 -13.89 13.21
C LYS A 69 -9.16 -13.41 13.44
N ASN A 70 -9.45 -12.96 14.65
CA ASN A 70 -10.78 -12.48 14.99
C ASN A 70 -10.73 -11.06 15.53
N LYS A 71 -9.55 -10.45 15.46
CA LYS A 71 -9.36 -9.08 15.94
C LYS A 71 -9.75 -8.95 17.41
N GLY A 1 20.68 10.98 2.79
CA GLY A 1 19.87 10.17 3.73
C GLY A 1 18.70 9.49 3.05
N ALA A 2 18.93 8.29 2.54
CA ALA A 2 17.90 7.52 1.85
C ALA A 2 17.31 8.31 0.68
N MET A 3 18.07 8.40 -0.41
CA MET A 3 17.63 9.12 -1.60
C MET A 3 17.70 8.23 -2.82
N GLY A 4 16.57 7.61 -3.17
CA GLY A 4 16.52 6.73 -4.33
C GLY A 4 15.79 7.37 -5.49
N SER A 5 15.66 6.62 -6.59
CA SER A 5 14.98 7.13 -7.77
C SER A 5 13.57 6.55 -7.89
N LEU A 6 13.49 5.28 -8.28
CA LEU A 6 12.19 4.62 -8.42
C LEU A 6 11.79 3.93 -7.12
N GLU A 7 12.78 3.33 -6.46
CA GLU A 7 12.54 2.62 -5.19
C GLU A 7 11.91 3.56 -4.17
N ALA A 8 12.43 4.78 -4.10
CA ALA A 8 11.91 5.77 -3.17
C ALA A 8 10.42 6.01 -3.41
N ARG A 9 10.03 6.01 -4.68
CA ARG A 9 8.64 6.22 -5.05
C ARG A 9 7.79 5.08 -4.49
N MET A 10 8.25 3.85 -4.73
CA MET A 10 7.55 2.68 -4.24
C MET A 10 7.69 2.56 -2.73
N LYS A 11 8.52 3.44 -2.16
CA LYS A 11 8.76 3.46 -0.73
C LYS A 11 7.77 4.39 -0.07
N GLN A 12 7.59 5.55 -0.69
CA GLN A 12 6.66 6.54 -0.18
C GLN A 12 5.23 6.06 -0.40
N PHE A 13 5.07 5.11 -1.33
CA PHE A 13 3.76 4.57 -1.62
C PHE A 13 3.42 3.44 -0.67
N LYS A 14 4.32 2.48 -0.55
CA LYS A 14 4.10 1.35 0.34
C LYS A 14 3.86 1.86 1.76
N ASP A 15 4.71 2.80 2.19
CA ASP A 15 4.59 3.39 3.51
C ASP A 15 3.26 4.11 3.63
N MET A 16 2.92 4.89 2.61
CA MET A 16 1.67 5.63 2.58
C MET A 16 0.49 4.67 2.71
N LEU A 17 0.66 3.45 2.18
CA LEU A 17 -0.39 2.44 2.26
C LEU A 17 -0.67 2.12 3.72
N LEU A 18 0.39 2.00 4.50
CA LEU A 18 0.27 1.72 5.92
C LEU A 18 -0.16 2.96 6.68
N GLU A 19 -0.04 4.12 6.04
CA GLU A 19 -0.43 5.38 6.67
C GLU A 19 -1.94 5.50 6.80
N ARG A 20 -2.67 5.29 5.70
CA ARG A 20 -4.12 5.38 5.74
C ARG A 20 -4.73 3.99 5.93
N GLY A 21 -3.85 3.00 6.09
CA GLY A 21 -4.30 1.64 6.26
C GLY A 21 -5.13 1.16 5.09
N VAL A 22 -4.44 0.72 4.05
CA VAL A 22 -5.09 0.20 2.87
C VAL A 22 -5.50 -1.24 3.14
N SER A 23 -6.41 -1.36 4.12
CA SER A 23 -6.95 -2.64 4.56
C SER A 23 -6.46 -3.80 3.70
N ALA A 24 -5.49 -4.52 4.24
CA ALA A 24 -4.90 -5.65 3.54
C ALA A 24 -5.96 -6.66 3.09
N PHE A 25 -7.18 -6.49 3.57
CA PHE A 25 -8.29 -7.36 3.20
C PHE A 25 -9.53 -6.54 2.83
N SER A 26 -9.42 -5.77 1.75
CA SER A 26 -10.52 -4.92 1.29
C SER A 26 -10.50 -4.78 -0.23
N THR A 27 -11.26 -3.80 -0.73
CA THR A 27 -11.30 -3.55 -2.17
C THR A 27 -10.52 -2.29 -2.51
N TRP A 28 -9.72 -2.40 -3.57
CA TRP A 28 -8.86 -1.32 -4.01
C TRP A 28 -9.57 0.04 -4.12
N GLU A 29 -10.88 0.06 -4.30
CA GLU A 29 -11.60 1.33 -4.43
C GLU A 29 -11.77 2.01 -3.09
N LYS A 30 -12.18 1.25 -2.09
CA LYS A 30 -12.32 1.82 -0.75
C LYS A 30 -10.98 2.41 -0.35
N GLU A 31 -9.94 1.64 -0.61
CA GLU A 31 -8.60 2.05 -0.31
C GLU A 31 -8.16 3.16 -1.24
N LEU A 32 -8.86 3.29 -2.37
CA LEU A 32 -8.54 4.32 -3.33
C LEU A 32 -8.74 5.68 -2.71
N HIS A 33 -9.97 6.00 -2.36
CA HIS A 33 -10.29 7.30 -1.79
C HIS A 33 -9.45 7.56 -0.54
N LYS A 34 -9.21 6.53 0.26
CA LYS A 34 -8.44 6.69 1.48
C LYS A 34 -7.05 7.24 1.20
N ILE A 35 -6.43 6.79 0.12
CA ILE A 35 -5.10 7.26 -0.25
C ILE A 35 -5.14 8.27 -1.39
N VAL A 36 -6.32 8.43 -1.97
CA VAL A 36 -6.53 9.32 -3.09
C VAL A 36 -6.49 10.77 -2.64
N PHE A 37 -6.92 11.01 -1.41
CA PHE A 37 -6.88 12.36 -0.86
C PHE A 37 -5.45 12.87 -0.91
N ASP A 38 -4.53 11.93 -1.14
CA ASP A 38 -3.10 12.23 -1.23
C ASP A 38 -2.65 12.18 -2.70
N PRO A 39 -1.69 13.04 -3.10
CA PRO A 39 -1.20 13.07 -4.47
C PRO A 39 -0.17 11.99 -4.76
N ARG A 40 0.43 11.41 -3.72
CA ARG A 40 1.40 10.36 -3.91
C ARG A 40 0.72 9.09 -4.39
N TYR A 41 -0.61 9.11 -4.43
CA TYR A 41 -1.38 7.98 -4.91
C TYR A 41 -1.20 7.87 -6.42
N LEU A 42 -0.75 8.98 -7.01
CA LEU A 42 -0.53 9.05 -8.45
C LEU A 42 0.95 8.95 -8.78
N LEU A 43 1.69 8.21 -7.97
CA LEU A 43 3.13 8.05 -8.17
C LEU A 43 3.43 6.94 -9.19
N LEU A 44 3.31 5.68 -8.76
CA LEU A 44 3.59 4.56 -9.65
C LEU A 44 2.56 4.46 -10.76
N ASN A 45 2.75 3.46 -11.61
CA ASN A 45 1.86 3.21 -12.73
C ASN A 45 0.94 2.05 -12.40
N PRO A 46 -0.13 1.81 -13.20
CA PRO A 46 -1.07 0.70 -12.96
C PRO A 46 -0.37 -0.65 -12.82
N LYS A 47 0.94 -0.68 -13.09
CA LYS A 47 1.73 -1.90 -12.99
C LYS A 47 2.41 -1.98 -11.63
N GLU A 48 3.26 -0.99 -11.35
CA GLU A 48 3.97 -0.93 -10.08
C GLU A 48 2.96 -0.79 -8.95
N ARG A 49 1.75 -0.36 -9.30
CA ARG A 49 0.69 -0.20 -8.33
C ARG A 49 0.10 -1.55 -7.97
N LYS A 50 0.18 -2.48 -8.91
CA LYS A 50 -0.33 -3.82 -8.72
C LYS A 50 0.58 -4.60 -7.76
N GLN A 51 1.88 -4.41 -7.92
CA GLN A 51 2.85 -5.09 -7.08
C GLN A 51 2.84 -4.50 -5.68
N VAL A 52 2.73 -3.17 -5.59
CA VAL A 52 2.70 -2.48 -4.30
C VAL A 52 1.43 -2.82 -3.52
N PHE A 53 0.29 -2.76 -4.19
CA PHE A 53 -0.99 -3.05 -3.55
C PHE A 53 -1.05 -4.52 -3.11
N ASP A 54 -0.63 -5.42 -4.00
CA ASP A 54 -0.65 -6.85 -3.69
C ASP A 54 0.36 -7.20 -2.61
N GLN A 55 1.63 -6.93 -2.91
CA GLN A 55 2.72 -7.21 -1.98
C GLN A 55 2.42 -6.65 -0.59
N TYR A 56 1.67 -5.55 -0.53
CA TYR A 56 1.33 -4.94 0.75
C TYR A 56 0.21 -5.71 1.43
N VAL A 57 -0.93 -5.80 0.75
CA VAL A 57 -2.08 -6.50 1.30
C VAL A 57 -1.74 -7.93 1.68
N LYS A 58 -0.68 -8.47 1.10
CA LYS A 58 -0.27 -9.84 1.41
C LYS A 58 0.54 -9.92 2.68
N THR A 59 1.74 -9.36 2.65
CA THR A 59 2.62 -9.37 3.81
C THR A 59 1.95 -8.72 5.03
N ARG A 60 1.07 -7.76 4.76
CA ARG A 60 0.38 -7.04 5.83
C ARG A 60 -0.74 -7.89 6.41
N ALA A 61 -1.59 -8.45 5.54
CA ALA A 61 -2.70 -9.27 6.02
C ALA A 61 -2.18 -10.43 6.85
N GLU A 62 -1.12 -11.06 6.37
CA GLU A 62 -0.53 -12.19 7.07
C GLU A 62 0.01 -11.79 8.45
N GLU A 63 0.68 -10.63 8.52
CA GLU A 63 1.25 -10.16 9.77
C GLU A 63 0.19 -9.68 10.76
N GLU A 64 -0.88 -9.09 10.24
CA GLU A 64 -1.95 -8.57 11.10
C GLU A 64 -2.99 -9.65 11.40
N ARG A 65 -2.91 -10.76 10.67
CA ARG A 65 -3.85 -11.86 10.87
C ARG A 65 -3.25 -12.92 11.80
N ARG A 66 -1.92 -12.92 11.91
CA ARG A 66 -1.23 -13.88 12.77
C ARG A 66 -0.87 -13.26 14.11
N GLU A 67 -0.69 -11.94 14.11
CA GLU A 67 -0.34 -11.22 15.34
C GLU A 67 -1.58 -10.71 16.06
N LYS A 68 -2.34 -9.85 15.38
CA LYS A 68 -3.55 -9.27 15.96
C LYS A 68 -4.77 -10.16 15.72
N LYS A 69 -4.53 -11.34 15.16
CA LYS A 69 -5.60 -12.30 14.86
C LYS A 69 -6.85 -11.59 14.32
N ASN A 70 -8.02 -12.20 14.53
CA ASN A 70 -9.28 -11.63 14.07
C ASN A 70 -9.65 -10.40 14.89
N LYS A 71 -9.32 -9.21 14.37
CA LYS A 71 -9.63 -7.97 15.05
C LYS A 71 -10.13 -6.92 14.07
N GLY A 1 19.62 6.50 3.39
CA GLY A 1 18.25 7.09 3.38
C GLY A 1 17.47 6.73 2.12
N ALA A 2 17.45 5.45 1.78
CA ALA A 2 16.73 4.98 0.60
C ALA A 2 17.22 5.69 -0.65
N MET A 3 18.39 5.29 -1.13
CA MET A 3 18.96 5.89 -2.34
C MET A 3 18.47 5.19 -3.59
N GLY A 4 18.28 5.97 -4.66
CA GLY A 4 17.81 5.40 -5.91
C GLY A 4 16.86 6.33 -6.64
N SER A 5 15.84 5.75 -7.29
CA SER A 5 14.85 6.54 -8.02
C SER A 5 13.47 5.93 -7.89
N LEU A 6 13.23 4.84 -8.63
CA LEU A 6 11.95 4.16 -8.59
C LEU A 6 11.69 3.55 -7.22
N GLU A 7 12.76 3.13 -6.57
CA GLU A 7 12.66 2.51 -5.25
C GLU A 7 12.02 3.46 -4.26
N ALA A 8 12.48 4.70 -4.27
CA ALA A 8 11.97 5.70 -3.37
C ALA A 8 10.48 5.94 -3.60
N ARG A 9 10.09 6.01 -4.86
CA ARG A 9 8.68 6.25 -5.20
C ARG A 9 7.82 5.08 -4.74
N MET A 10 8.31 3.87 -5.01
CA MET A 10 7.60 2.66 -4.62
C MET A 10 7.62 2.49 -3.11
N LYS A 11 8.54 3.20 -2.48
CA LYS A 11 8.70 3.15 -1.03
C LYS A 11 7.74 4.08 -0.36
N GLN A 12 7.80 5.35 -0.72
CA GLN A 12 6.91 6.35 -0.15
C GLN A 12 5.47 5.97 -0.46
N PHE A 13 5.31 5.10 -1.47
CA PHE A 13 3.99 4.66 -1.85
C PHE A 13 3.50 3.64 -0.83
N LYS A 14 4.34 2.64 -0.56
CA LYS A 14 4.01 1.61 0.41
C LYS A 14 3.73 2.25 1.77
N ASP A 15 4.51 3.28 2.10
CA ASP A 15 4.34 3.99 3.36
C ASP A 15 2.95 4.59 3.45
N MET A 16 2.56 5.33 2.41
CA MET A 16 1.25 5.96 2.37
C MET A 16 0.16 4.90 2.53
N LEU A 17 0.39 3.74 1.94
CA LEU A 17 -0.57 2.64 2.00
C LEU A 17 -0.86 2.28 3.45
N LEU A 18 0.18 2.19 4.26
CA LEU A 18 0.03 1.85 5.67
C LEU A 18 -0.31 3.08 6.49
N GLU A 19 -0.15 4.25 5.88
CA GLU A 19 -0.43 5.50 6.56
C GLU A 19 -1.92 5.66 6.82
N ARG A 20 -2.73 5.41 5.80
CA ARG A 20 -4.19 5.52 5.94
C ARG A 20 -4.77 4.14 6.21
N GLY A 21 -3.90 3.15 6.12
CA GLY A 21 -4.31 1.79 6.35
C GLY A 21 -5.12 1.25 5.19
N VAL A 22 -4.42 0.80 4.16
CA VAL A 22 -5.05 0.24 3.00
C VAL A 22 -5.46 -1.18 3.33
N SER A 23 -6.50 -1.26 4.15
CA SER A 23 -7.05 -2.52 4.63
C SER A 23 -6.59 -3.69 3.77
N ALA A 24 -5.63 -4.42 4.33
CA ALA A 24 -5.04 -5.57 3.65
C ALA A 24 -6.11 -6.61 3.27
N PHE A 25 -7.36 -6.34 3.65
CA PHE A 25 -8.47 -7.23 3.33
C PHE A 25 -9.70 -6.42 2.93
N SER A 26 -9.56 -5.62 1.87
CA SER A 26 -10.66 -4.79 1.38
C SER A 26 -10.59 -4.62 -0.14
N THR A 27 -11.52 -3.82 -0.67
CA THR A 27 -11.57 -3.57 -2.11
C THR A 27 -10.77 -2.33 -2.48
N TRP A 28 -9.89 -2.50 -3.46
CA TRP A 28 -9.02 -1.45 -3.95
C TRP A 28 -9.72 -0.08 -4.08
N GLU A 29 -11.05 -0.08 -4.22
CA GLU A 29 -11.79 1.18 -4.33
C GLU A 29 -11.87 1.89 -3.00
N LYS A 30 -12.25 1.14 -1.97
CA LYS A 30 -12.31 1.71 -0.64
C LYS A 30 -10.91 2.18 -0.30
N GLU A 31 -9.95 1.40 -0.77
CA GLU A 31 -8.55 1.70 -0.58
C GLU A 31 -8.19 2.97 -1.32
N LEU A 32 -8.91 3.23 -2.42
CA LEU A 32 -8.67 4.42 -3.20
C LEU A 32 -8.89 5.65 -2.34
N HIS A 33 -10.15 5.99 -2.11
CA HIS A 33 -10.47 7.19 -1.35
C HIS A 33 -9.52 7.37 -0.15
N LYS A 34 -9.24 6.27 0.54
CA LYS A 34 -8.36 6.33 1.71
C LYS A 34 -7.02 6.99 1.40
N ILE A 35 -6.40 6.62 0.29
CA ILE A 35 -5.09 7.17 -0.10
C ILE A 35 -5.20 8.27 -1.16
N VAL A 36 -6.02 8.04 -2.18
CA VAL A 36 -6.22 9.00 -3.28
C VAL A 36 -6.39 10.42 -2.78
N PHE A 37 -6.93 10.60 -1.57
CA PHE A 37 -7.08 11.95 -1.02
C PHE A 37 -5.71 12.63 -0.99
N ASP A 38 -4.69 11.82 -1.31
CA ASP A 38 -3.30 12.24 -1.36
C ASP A 38 -2.79 12.16 -2.79
N PRO A 39 -1.78 12.97 -3.15
CA PRO A 39 -1.21 12.95 -4.50
C PRO A 39 -0.19 11.84 -4.67
N ARG A 40 0.12 11.15 -3.58
CA ARG A 40 1.08 10.05 -3.62
C ARG A 40 0.44 8.85 -4.30
N TYR A 41 -0.89 8.85 -4.37
CA TYR A 41 -1.61 7.75 -4.97
C TYR A 41 -1.33 7.72 -6.47
N LEU A 42 -0.85 8.85 -6.98
CA LEU A 42 -0.54 8.98 -8.40
C LEU A 42 0.98 8.94 -8.62
N LEU A 43 1.65 8.11 -7.84
CA LEU A 43 3.10 7.99 -7.93
C LEU A 43 3.53 6.97 -8.99
N LEU A 44 3.44 5.69 -8.64
CA LEU A 44 3.84 4.63 -9.54
C LEU A 44 2.87 4.49 -10.71
N ASN A 45 3.23 3.64 -11.66
CA ASN A 45 2.42 3.39 -12.83
C ASN A 45 1.45 2.24 -12.58
N PRO A 46 0.43 2.05 -13.44
CA PRO A 46 -0.57 0.97 -13.27
C PRO A 46 0.07 -0.40 -13.06
N LYS A 47 1.39 -0.47 -13.21
CA LYS A 47 2.11 -1.73 -13.03
C LYS A 47 2.74 -1.79 -11.64
N GLU A 48 3.64 -0.85 -11.38
CA GLU A 48 4.31 -0.78 -10.10
C GLU A 48 3.31 -0.56 -8.96
N ARG A 49 2.15 0.02 -9.29
CA ARG A 49 1.12 0.26 -8.28
C ARG A 49 0.40 -1.04 -7.92
N LYS A 50 0.18 -1.88 -8.93
CA LYS A 50 -0.49 -3.15 -8.71
C LYS A 50 0.31 -4.05 -7.78
N GLN A 51 1.62 -4.10 -7.97
CA GLN A 51 2.49 -4.92 -7.14
C GLN A 51 2.51 -4.42 -5.71
N VAL A 52 2.66 -3.11 -5.52
CA VAL A 52 2.70 -2.54 -4.17
C VAL A 52 1.42 -2.85 -3.39
N PHE A 53 0.31 -2.99 -4.11
CA PHE A 53 -0.97 -3.29 -3.48
C PHE A 53 -1.04 -4.75 -3.04
N ASP A 54 -0.90 -5.66 -3.99
CA ASP A 54 -0.97 -7.08 -3.69
C ASP A 54 0.14 -7.51 -2.74
N GLN A 55 1.29 -6.85 -2.85
CA GLN A 55 2.44 -7.16 -2.01
C GLN A 55 2.25 -6.66 -0.59
N TYR A 56 1.57 -5.52 -0.45
CA TYR A 56 1.33 -4.94 0.86
C TYR A 56 0.24 -5.70 1.58
N VAL A 57 -0.90 -5.84 0.93
CA VAL A 57 -2.03 -6.55 1.50
C VAL A 57 -1.66 -7.98 1.87
N LYS A 58 -0.75 -8.57 1.11
CA LYS A 58 -0.33 -9.94 1.35
C LYS A 58 0.51 -10.07 2.63
N THR A 59 1.66 -9.40 2.66
CA THR A 59 2.54 -9.46 3.82
C THR A 59 1.90 -8.86 5.06
N ARG A 60 1.34 -7.66 4.91
CA ARG A 60 0.70 -6.97 6.02
C ARG A 60 -0.37 -7.83 6.68
N ALA A 61 -1.30 -8.34 5.85
CA ALA A 61 -2.39 -9.17 6.38
C ALA A 61 -1.84 -10.32 7.22
N GLU A 62 -0.89 -11.07 6.66
CA GLU A 62 -0.30 -12.20 7.37
C GLU A 62 0.11 -11.81 8.78
N GLU A 63 0.66 -10.61 8.94
CA GLU A 63 1.10 -10.13 10.25
C GLU A 63 -0.07 -9.70 11.14
N GLU A 64 -0.83 -8.71 10.67
CA GLU A 64 -1.97 -8.19 11.43
C GLU A 64 -3.07 -9.24 11.64
N ARG A 65 -2.91 -10.39 11.00
CA ARG A 65 -3.91 -11.45 11.13
C ARG A 65 -3.46 -12.52 12.11
N ARG A 66 -2.16 -12.83 12.11
CA ARG A 66 -1.60 -13.83 13.01
C ARG A 66 -1.58 -13.31 14.45
N GLU A 67 -1.52 -11.99 14.59
CA GLU A 67 -1.48 -11.36 15.91
C GLU A 67 -2.87 -10.86 16.32
N LYS A 68 -3.51 -10.10 15.44
CA LYS A 68 -4.83 -9.57 15.72
C LYS A 68 -5.86 -10.10 14.72
N LYS A 69 -6.25 -11.36 14.89
CA LYS A 69 -7.23 -11.98 14.01
C LYS A 69 -8.59 -11.28 14.14
N ASN A 70 -9.29 -11.17 13.01
CA ASN A 70 -10.61 -10.53 12.99
C ASN A 70 -10.51 -9.07 13.42
N LYS A 71 -10.49 -8.17 12.45
CA LYS A 71 -10.40 -6.74 12.71
C LYS A 71 -9.12 -6.41 13.48
#